data_9EI6
#
_entry.id   9EI6
#
_cell.length_a   55.587
_cell.length_b   105.336
_cell.length_c   39.997
_cell.angle_alpha   90.00
_cell.angle_beta   90.00
_cell.angle_gamma   90.00
#
_symmetry.space_group_name_H-M   'P 21 21 2'
#
loop_
_entity.id
_entity.type
_entity.pdbx_description
1 polymer 'Prolyl 4-hydroxylase alpha subunit domain-containing protein'
2 non-polymer '2-OXOGLUTARIC ACID'
3 non-polymer 'SULFATE ION'
4 non-polymer GLYCEROL
5 non-polymer DI(HYDROXYETHYL)ETHER
6 non-polymer 'FE (III) ION'
7 water water
#
_entity_poly.entity_id   1
_entity_poly.type   'polypeptide(L)'
_entity_poly.pdbx_seq_one_letter_code
;MGSSHHHHHHSSGENLYFQGHMIDFNAIKNAELLVKPFKVGITTNLFTDPKPLFKSYPNSGFHNIEKGTEHEKQYRFSVR
EITTSDLENDFKNLGKCWQILYQEVSSVQYRDAILKAIDLDISGLKFKMGFYKYYRTGDWISPHKDKPEKILNHVMFFNE
TWNCANGGQFLGLRSQNMDDIVFEVEPLVGNSVFFEPRENSWHAVRPLLCDQPRLSVQIEIFRTQF
;
_entity_poly.pdbx_strand_id   A
#
loop_
_chem_comp.id
_chem_comp.type
_chem_comp.name
_chem_comp.formula
AKG non-polymer '2-OXOGLUTARIC ACID' 'C5 H6 O5'
FE non-polymer 'FE (III) ION' 'Fe 3'
GOL non-polymer GLYCEROL 'C3 H8 O3'
PEG non-polymer DI(HYDROXYETHYL)ETHER 'C4 H10 O3'
SO4 non-polymer 'SULFATE ION' 'O4 S -2'
#
# COMPACT_ATOMS: atom_id res chain seq x y z
N SER A 11 19.30 -28.33 -5.48
CA SER A 11 18.49 -28.04 -6.65
C SER A 11 17.01 -28.32 -6.42
N SER A 12 16.16 -27.50 -7.04
CA SER A 12 14.73 -27.67 -6.85
C SER A 12 14.19 -28.81 -7.71
N GLY A 13 13.04 -29.33 -7.28
CA GLY A 13 12.50 -30.52 -7.92
C GLY A 13 11.91 -30.24 -9.29
N GLU A 14 11.93 -31.29 -10.12
CA GLU A 14 11.42 -31.25 -11.48
C GLU A 14 9.90 -31.50 -11.48
N ASN A 15 9.19 -30.47 -11.07
CA ASN A 15 7.75 -30.58 -10.82
C ASN A 15 7.11 -29.19 -10.82
N LEU A 16 5.78 -29.18 -10.72
CA LEU A 16 5.01 -27.94 -10.66
C LEU A 16 5.01 -27.38 -9.24
N TYR A 17 4.77 -26.07 -9.11
CA TYR A 17 4.61 -25.39 -7.83
CA TYR A 17 4.52 -25.49 -7.80
C TYR A 17 3.33 -24.55 -7.85
N PHE A 18 2.54 -24.61 -6.78
CA PHE A 18 1.26 -23.90 -6.75
C PHE A 18 1.47 -22.39 -6.63
N GLN A 19 0.73 -21.64 -7.44
CA GLN A 19 0.72 -20.18 -7.29
C GLN A 19 -0.65 -19.70 -7.77
N GLY A 20 -1.58 -19.59 -6.82
CA GLY A 20 -2.96 -19.35 -7.20
C GLY A 20 -3.20 -17.99 -7.80
N HIS A 21 -2.54 -16.95 -7.26
CA HIS A 21 -2.74 -15.58 -7.67
C HIS A 21 -1.44 -14.80 -7.44
N MET A 22 -1.41 -13.55 -7.93
CA MET A 22 -0.31 -12.64 -7.62
C MET A 22 -0.28 -12.32 -6.13
N ILE A 23 -1.44 -12.06 -5.53
CA ILE A 23 -1.56 -11.88 -4.08
C ILE A 23 -1.71 -13.24 -3.41
N ASP A 24 -1.03 -13.41 -2.26
CA ASP A 24 -1.31 -14.51 -1.34
C ASP A 24 -2.43 -14.01 -0.43
N PHE A 25 -3.70 -14.40 -0.72
CA PHE A 25 -4.82 -13.88 0.08
C PHE A 25 -4.77 -14.37 1.54
N ASN A 26 -4.11 -15.50 1.80
CA ASN A 26 -3.93 -15.94 3.18
C ASN A 26 -3.11 -14.94 3.98
N ALA A 27 -2.22 -14.19 3.31
CA ALA A 27 -1.41 -13.21 4.02
C ALA A 27 -2.25 -12.04 4.52
N ILE A 28 -3.37 -11.77 3.84
CA ILE A 28 -4.32 -10.77 4.32
C ILE A 28 -5.19 -11.35 5.44
N LYS A 29 -5.79 -12.53 5.20
CA LYS A 29 -6.69 -13.13 6.19
C LYS A 29 -5.99 -13.32 7.53
N ASN A 30 -4.74 -13.74 7.49
CA ASN A 30 -3.95 -14.02 8.68
C ASN A 30 -2.87 -12.95 8.93
N ALA A 31 -3.18 -11.70 8.58
CA ALA A 31 -2.30 -10.58 8.90
C ALA A 31 -2.15 -10.41 10.41
N GLU A 32 -1.01 -9.86 10.82
CA GLU A 32 -0.89 -9.32 12.16
C GLU A 32 -1.98 -8.27 12.34
N LEU A 33 -2.73 -8.34 13.44
CA LEU A 33 -3.87 -7.45 13.61
C LEU A 33 -3.79 -6.76 14.96
N LEU A 34 -3.66 -5.43 14.91
CA LEU A 34 -3.71 -4.59 16.09
C LEU A 34 -5.13 -4.11 16.29
N VAL A 35 -5.54 -4.00 17.55
CA VAL A 35 -6.76 -3.28 17.88
C VAL A 35 -6.53 -1.98 18.64
N LYS A 36 -5.38 -1.85 19.33
CA LYS A 36 -4.96 -0.60 19.97
C LYS A 36 -3.55 -0.27 19.51
N PRO A 37 -3.25 1.00 19.22
CA PRO A 37 -4.09 2.21 19.41
C PRO A 37 -5.29 2.32 18.44
N PHE A 38 -5.22 1.67 17.27
CA PHE A 38 -6.39 1.60 16.38
C PHE A 38 -6.33 0.26 15.66
N LYS A 39 -7.42 -0.09 14.95
CA LYS A 39 -7.49 -1.38 14.26
C LYS A 39 -6.75 -1.29 12.92
N VAL A 40 -5.70 -2.09 12.78
CA VAL A 40 -4.85 -2.05 11.60
C VAL A 40 -4.24 -3.43 11.38
N GLY A 41 -4.24 -3.86 10.12
CA GLY A 41 -3.62 -5.12 9.71
C GLY A 41 -2.29 -4.86 9.03
N ILE A 42 -1.32 -5.74 9.30
CA ILE A 42 0.06 -5.65 8.78
C ILE A 42 0.42 -7.00 8.18
N THR A 43 0.74 -7.05 6.89
CA THR A 43 1.10 -8.31 6.26
C THR A 43 2.61 -8.49 6.17
N THR A 44 3.00 -9.76 5.98
CA THR A 44 4.32 -10.15 5.49
C THR A 44 4.07 -11.10 4.30
N ASN A 45 4.95 -11.05 3.32
CA ASN A 45 4.87 -11.93 2.16
C ASN A 45 3.51 -11.86 1.45
N LEU A 46 3.03 -10.64 1.21
CA LEU A 46 1.76 -10.44 0.52
C LEU A 46 1.78 -10.98 -0.91
N PHE A 47 2.94 -10.96 -1.57
CA PHE A 47 3.01 -11.36 -2.98
C PHE A 47 3.69 -12.72 -3.12
N THR A 48 3.13 -13.53 -4.01
CA THR A 48 3.64 -14.89 -4.21
C THR A 48 4.94 -14.90 -5.01
N ASP A 49 5.17 -13.89 -5.85
CA ASP A 49 6.37 -13.82 -6.70
C ASP A 49 6.88 -12.40 -6.62
N PRO A 50 7.54 -12.03 -5.51
CA PRO A 50 7.87 -10.61 -5.24
C PRO A 50 9.07 -10.08 -6.04
N LYS A 51 10.02 -10.93 -6.44
CA LYS A 51 11.28 -10.40 -6.97
C LYS A 51 11.14 -9.52 -8.20
N PRO A 52 10.32 -9.86 -9.21
CA PRO A 52 10.28 -9.02 -10.43
C PRO A 52 9.52 -7.72 -10.27
N LEU A 53 8.80 -7.52 -9.16
CA LEU A 53 7.88 -6.39 -9.08
C LEU A 53 8.64 -5.06 -9.00
N PHE A 54 9.78 -5.02 -8.31
CA PHE A 54 10.56 -3.78 -8.20
C PHE A 54 10.99 -3.26 -9.58
N LYS A 55 11.59 -4.11 -10.41
CA LYS A 55 12.02 -3.65 -11.73
C LYS A 55 10.85 -3.28 -12.62
N SER A 56 9.68 -3.90 -12.43
CA SER A 56 8.54 -3.64 -13.30
C SER A 56 7.75 -2.39 -12.88
N TYR A 57 8.08 -1.84 -11.72
CA TYR A 57 7.37 -0.68 -11.22
C TYR A 57 7.55 0.47 -12.20
N PRO A 58 6.50 1.25 -12.48
CA PRO A 58 6.61 2.29 -13.51
C PRO A 58 7.60 3.39 -13.14
N ASN A 59 8.30 3.92 -14.15
CA ASN A 59 9.23 5.02 -13.85
C ASN A 59 8.95 6.28 -14.67
N SER A 60 7.76 6.39 -15.26
CA SER A 60 7.34 7.60 -15.93
C SER A 60 5.87 7.84 -15.60
N GLY A 61 5.39 9.03 -15.90
CA GLY A 61 3.99 9.37 -15.69
C GLY A 61 3.65 9.87 -14.30
N PHE A 62 4.64 10.23 -13.50
CA PHE A 62 4.40 10.67 -12.13
C PHE A 62 4.30 12.20 -12.09
N HIS A 63 3.54 12.70 -11.13
CA HIS A 63 3.46 14.12 -10.85
C HIS A 63 3.97 14.35 -9.43
N ASN A 64 4.83 15.36 -9.26
CA ASN A 64 5.30 15.72 -7.93
C ASN A 64 4.21 16.51 -7.22
N ILE A 65 3.88 16.15 -5.98
CA ILE A 65 2.89 16.89 -5.20
C ILE A 65 3.42 17.20 -3.80
N GLU A 66 2.96 18.31 -3.24
CA GLU A 66 3.55 18.76 -1.99
C GLU A 66 2.67 19.79 -1.31
N LYS A 67 2.76 19.79 0.02
CA LYS A 67 2.21 20.83 0.88
C LYS A 67 3.24 21.15 1.94
N GLY A 68 3.50 22.44 2.14
CA GLY A 68 4.53 22.89 3.08
C GLY A 68 4.05 23.55 4.35
N LYS A 73 -1.50 19.55 7.56
CA LYS A 73 -0.94 18.34 6.94
C LYS A 73 0.09 18.68 5.86
N GLN A 74 1.29 18.11 6.00
CA GLN A 74 2.42 18.44 5.13
C GLN A 74 2.97 17.16 4.50
N TYR A 75 3.51 17.31 3.28
CA TYR A 75 4.03 16.14 2.57
C TYR A 75 4.78 16.61 1.32
N ARG A 76 5.61 15.70 0.81
CA ARG A 76 6.29 15.87 -0.49
C ARG A 76 6.58 14.47 -1.00
N PHE A 77 6.08 14.12 -2.19
CA PHE A 77 6.30 12.83 -2.85
C PHE A 77 5.78 12.96 -4.30
N SER A 78 5.77 11.86 -5.06
CA SER A 78 5.23 11.87 -6.42
C SER A 78 4.21 10.75 -6.57
N VAL A 79 3.27 10.92 -7.52
CA VAL A 79 2.19 9.94 -7.70
C VAL A 79 1.88 9.73 -9.18
N ARG A 80 1.58 8.48 -9.55
CA ARG A 80 1.04 8.16 -10.88
C ARG A 80 -0.25 7.39 -10.63
N GLU A 81 -1.39 7.97 -10.98
CA GLU A 81 -2.67 7.30 -10.75
C GLU A 81 -2.91 6.26 -11.85
N ILE A 82 -3.58 5.15 -11.48
CA ILE A 82 -4.29 4.37 -12.50
C ILE A 82 -5.50 5.19 -12.94
N THR A 83 -5.71 5.29 -14.25
CA THR A 83 -6.80 6.12 -14.78
C THR A 83 -7.70 5.33 -15.72
N THR A 84 -8.83 5.97 -16.08
CA THR A 84 -9.71 5.41 -17.09
C THR A 84 -9.00 5.21 -18.42
N SER A 85 -7.92 5.94 -18.68
CA SER A 85 -7.15 5.71 -19.92
C SER A 85 -6.48 4.35 -19.89
N ASP A 86 -5.95 3.95 -18.73
CA ASP A 86 -5.34 2.63 -18.59
C ASP A 86 -6.36 1.52 -18.78
N LEU A 87 -7.55 1.69 -18.19
CA LEU A 87 -8.61 0.72 -18.44
C LEU A 87 -8.95 0.62 -19.92
N GLU A 88 -9.02 1.75 -20.61
CA GLU A 88 -9.49 1.68 -21.98
C GLU A 88 -8.45 1.19 -22.98
N ASN A 89 -7.15 1.32 -22.67
CA ASN A 89 -6.10 0.82 -23.56
C ASN A 89 -5.51 -0.51 -23.06
N ASP A 90 -6.19 -1.18 -22.14
CA ASP A 90 -5.78 -2.52 -21.70
C ASP A 90 -4.39 -2.49 -21.06
N PHE A 91 -4.12 -1.42 -20.30
CA PHE A 91 -2.90 -1.30 -19.51
C PHE A 91 -1.64 -1.32 -20.38
N LYS A 92 -1.73 -0.83 -21.62
CA LYS A 92 -0.58 -0.93 -22.53
C LYS A 92 0.61 -0.13 -22.08
N ASN A 93 0.44 0.88 -21.21
CA ASN A 93 1.56 1.69 -20.76
C ASN A 93 2.17 1.20 -19.44
N LEU A 94 1.73 0.05 -18.95
CA LEU A 94 2.17 -0.49 -17.67
C LEU A 94 2.59 -1.94 -17.86
N GLY A 95 3.45 -2.43 -16.96
CA GLY A 95 3.74 -3.85 -16.94
C GLY A 95 2.49 -4.67 -16.64
N LYS A 96 2.42 -5.87 -17.24
CA LYS A 96 1.25 -6.73 -17.09
C LYS A 96 0.94 -7.03 -15.63
N CYS A 97 1.95 -7.09 -14.77
CA CYS A 97 1.67 -7.38 -13.37
C CYS A 97 0.75 -6.35 -12.73
N TRP A 98 0.79 -5.10 -13.19
CA TRP A 98 -0.06 -4.08 -12.59
C TRP A 98 -1.50 -4.24 -13.03
N GLN A 99 -1.72 -4.73 -14.26
CA GLN A 99 -3.06 -5.09 -14.69
C GLN A 99 -3.60 -6.24 -13.85
N ILE A 100 -2.74 -7.25 -13.59
CA ILE A 100 -3.17 -8.36 -12.72
C ILE A 100 -3.48 -7.87 -11.30
N LEU A 101 -2.65 -6.95 -10.74
CA LEU A 101 -2.95 -6.42 -9.40
C LEU A 101 -4.29 -5.70 -9.37
N TYR A 102 -4.57 -4.86 -10.38
CA TYR A 102 -5.87 -4.20 -10.49
C TYR A 102 -7.01 -5.23 -10.52
N GLN A 103 -6.83 -6.31 -11.29
CA GLN A 103 -7.89 -7.33 -11.39
C GLN A 103 -8.10 -8.02 -10.07
N GLU A 104 -7.02 -8.30 -9.31
CA GLU A 104 -7.16 -9.02 -8.05
C GLU A 104 -7.76 -8.11 -6.96
N VAL A 105 -7.37 -6.83 -6.93
CA VAL A 105 -7.99 -5.89 -5.98
C VAL A 105 -9.48 -5.77 -6.23
N SER A 106 -9.91 -5.86 -7.49
CA SER A 106 -11.34 -5.72 -7.81
C SER A 106 -12.09 -7.03 -7.77
N SER A 107 -11.48 -8.10 -7.26
CA SER A 107 -12.06 -9.45 -7.24
C SER A 107 -12.79 -9.75 -5.93
N VAL A 108 -13.68 -10.75 -6.01
CA VAL A 108 -14.34 -11.23 -4.79
C VAL A 108 -13.33 -11.77 -3.79
N GLN A 109 -12.21 -12.35 -4.26
CA GLN A 109 -11.24 -12.88 -3.32
C GLN A 109 -10.68 -11.79 -2.40
N TYR A 110 -10.45 -10.58 -2.93
CA TYR A 110 -9.93 -9.49 -2.09
C TYR A 110 -10.98 -9.06 -1.07
N ARG A 111 -12.24 -8.94 -1.51
CA ARG A 111 -13.33 -8.64 -0.60
C ARG A 111 -13.44 -9.69 0.50
N ASP A 112 -13.35 -10.97 0.14
CA ASP A 112 -13.47 -12.02 1.14
C ASP A 112 -12.30 -11.97 2.15
N ALA A 113 -11.10 -11.65 1.67
CA ALA A 113 -9.94 -11.66 2.58
C ALA A 113 -10.02 -10.52 3.60
N ILE A 114 -10.38 -9.32 3.14
CA ILE A 114 -10.54 -8.19 4.06
C ILE A 114 -11.66 -8.46 5.06
N LEU A 115 -12.77 -9.06 4.60
CA LEU A 115 -13.87 -9.37 5.51
C LEU A 115 -13.43 -10.35 6.61
N LYS A 116 -12.63 -11.36 6.25
CA LYS A 116 -12.12 -12.28 7.28
C LYS A 116 -11.16 -11.57 8.23
N ALA A 117 -10.25 -10.76 7.70
CA ALA A 117 -9.21 -10.15 8.55
C ALA A 117 -9.78 -9.17 9.55
N ILE A 118 -10.60 -8.22 9.10
CA ILE A 118 -11.00 -7.09 9.94
C ILE A 118 -12.52 -6.95 10.08
N ASP A 119 -13.29 -7.90 9.58
CA ASP A 119 -14.74 -7.88 9.77
C ASP A 119 -15.38 -6.64 9.15
N LEU A 120 -14.86 -6.19 8.02
CA LEU A 120 -15.41 -5.07 7.26
C LEU A 120 -15.71 -5.57 5.86
N ASP A 121 -16.94 -5.32 5.38
CA ASP A 121 -17.40 -5.77 4.06
C ASP A 121 -17.30 -4.61 3.04
N ILE A 122 -16.45 -4.78 2.03
CA ILE A 122 -16.23 -3.72 1.02
C ILE A 122 -17.07 -3.93 -0.24
N SER A 123 -17.97 -4.91 -0.25
CA SER A 123 -18.77 -5.18 -1.43
CA SER A 123 -18.79 -5.18 -1.42
C SER A 123 -19.49 -3.93 -1.91
N GLY A 124 -19.41 -3.67 -3.22
CA GLY A 124 -20.10 -2.53 -3.80
C GLY A 124 -19.46 -1.17 -3.58
N LEU A 125 -18.33 -1.09 -2.89
CA LEU A 125 -17.66 0.17 -2.69
C LEU A 125 -16.78 0.46 -3.90
N LYS A 126 -16.35 1.70 -4.02
CA LYS A 126 -15.50 2.10 -5.13
C LYS A 126 -14.05 2.17 -4.67
N PHE A 127 -13.13 2.24 -5.64
CA PHE A 127 -11.73 2.43 -5.26
C PHE A 127 -10.96 3.27 -6.27
N LYS A 128 -9.90 3.89 -5.75
CA LYS A 128 -8.81 4.50 -6.51
C LYS A 128 -7.57 3.66 -6.27
N MET A 129 -6.64 3.69 -7.23
CA MET A 129 -5.41 2.94 -7.13
C MET A 129 -4.29 3.79 -7.73
N GLY A 130 -3.21 3.96 -6.97
CA GLY A 130 -2.13 4.82 -7.45
C GLY A 130 -0.77 4.30 -7.03
N PHE A 131 0.24 4.66 -7.81
CA PHE A 131 1.65 4.42 -7.49
C PHE A 131 2.22 5.66 -6.78
N TYR A 132 2.80 5.47 -5.59
CA TYR A 132 3.34 6.57 -4.79
C TYR A 132 4.83 6.35 -4.63
N LYS A 133 5.61 7.35 -5.00
CA LYS A 133 7.06 7.22 -5.02
C LYS A 133 7.68 8.37 -4.22
N TYR A 134 8.36 8.02 -3.15
CA TYR A 134 9.16 8.95 -2.37
C TYR A 134 10.58 8.72 -2.85
N TYR A 135 11.29 9.77 -3.26
CA TYR A 135 12.58 9.50 -3.90
C TYR A 135 13.63 10.57 -3.69
N ARG A 136 13.33 11.65 -2.97
CA ARG A 136 14.25 12.75 -2.75
C ARG A 136 14.42 12.92 -1.25
N THR A 137 15.62 13.32 -0.82
CA THR A 137 15.84 13.65 0.57
C THR A 137 14.73 14.60 1.04
N GLY A 138 14.10 14.26 2.16
CA GLY A 138 13.03 15.07 2.73
C GLY A 138 11.63 14.64 2.35
N ASP A 139 11.47 13.78 1.35
CA ASP A 139 10.13 13.32 0.99
C ASP A 139 9.54 12.59 2.19
N TRP A 140 8.24 12.85 2.48
CA TRP A 140 7.63 12.39 3.72
C TRP A 140 6.14 12.71 3.66
N ILE A 141 5.42 12.29 4.71
CA ILE A 141 4.10 12.84 5.03
C ILE A 141 4.00 12.96 6.55
N SER A 142 3.44 14.07 7.03
CA SER A 142 3.36 14.40 8.45
C SER A 142 2.20 13.65 9.11
N PRO A 143 2.09 13.70 10.44
CA PRO A 143 1.04 12.93 11.12
C PRO A 143 -0.37 13.33 10.69
N HIS A 144 -1.16 12.33 10.32
CA HIS A 144 -2.51 12.56 9.82
C HIS A 144 -3.30 11.27 10.00
N LYS A 145 -4.63 11.37 9.84
CA LYS A 145 -5.50 10.22 10.09
C LYS A 145 -6.09 9.56 8.85
N ASP A 146 -5.98 10.22 7.68
CA ASP A 146 -6.68 9.97 6.41
C ASP A 146 -8.08 10.61 6.42
N LYS A 147 -8.57 11.03 5.23
CA LYS A 147 -9.87 11.68 5.13
C LYS A 147 -10.99 10.76 5.63
N PRO A 148 -12.00 11.29 6.32
CA PRO A 148 -13.12 10.44 6.75
C PRO A 148 -13.92 9.83 5.62
N GLU A 149 -13.85 10.38 4.40
CA GLU A 149 -14.48 9.76 3.24
C GLU A 149 -13.85 8.43 2.87
N LYS A 150 -12.65 8.13 3.33
CA LYS A 150 -12.00 6.87 2.98
C LYS A 150 -12.43 5.82 4.00
N ILE A 151 -13.06 4.75 3.51
CA ILE A 151 -13.52 3.68 4.37
C ILE A 151 -12.38 2.70 4.69
N LEU A 152 -11.48 2.46 3.73
CA LEU A 152 -10.34 1.59 3.97
C LEU A 152 -9.17 2.09 3.15
N ASN A 153 -7.96 2.03 3.72
CA ASN A 153 -6.74 2.31 2.97
C ASN A 153 -5.84 1.09 3.04
N HIS A 154 -5.24 0.73 1.92
CA HIS A 154 -4.31 -0.39 1.90
C HIS A 154 -3.06 0.07 1.16
N VAL A 155 -1.93 0.20 1.89
CA VAL A 155 -0.65 0.57 1.28
C VAL A 155 0.19 -0.67 1.14
N MET A 156 0.74 -0.87 -0.06
CA MET A 156 1.56 -2.03 -0.39
C MET A 156 2.94 -1.57 -0.83
N PHE A 157 3.99 -2.22 -0.33
CA PHE A 157 5.36 -1.81 -0.62
C PHE A 157 6.02 -2.75 -1.62
N PHE A 158 6.98 -2.20 -2.40
CA PHE A 158 7.60 -2.97 -3.47
C PHE A 158 9.13 -2.98 -3.49
N ASN A 159 9.81 -2.29 -2.57
CA ASN A 159 11.27 -2.32 -2.58
C ASN A 159 11.81 -3.73 -2.32
N GLU A 160 12.82 -4.13 -3.11
CA GLU A 160 13.49 -5.41 -2.87
C GLU A 160 14.47 -5.30 -1.72
N THR A 161 15.08 -4.13 -1.55
CA THR A 161 16.01 -3.86 -0.45
C THR A 161 15.65 -2.49 0.11
N TRP A 162 15.92 -2.27 1.41
CA TRP A 162 15.75 -0.93 1.98
C TRP A 162 16.68 -0.75 3.17
N ASN A 163 17.54 0.25 3.11
CA ASN A 163 18.44 0.54 4.23
C ASN A 163 17.63 1.32 5.25
N CYS A 164 17.39 0.73 6.43
CA CYS A 164 16.51 1.38 7.39
C CYS A 164 17.05 2.74 7.84
N ALA A 165 18.37 2.96 7.79
CA ALA A 165 18.92 4.24 8.19
C ALA A 165 18.56 5.37 7.25
N ASN A 166 17.96 5.07 6.10
CA ASN A 166 17.53 6.12 5.19
C ASN A 166 16.17 6.70 5.51
N GLY A 167 15.54 6.29 6.61
CA GLY A 167 14.20 6.79 6.85
C GLY A 167 13.18 6.05 6.01
N GLY A 168 12.00 6.66 5.86
CA GLY A 168 10.99 6.08 4.98
C GLY A 168 10.09 5.01 5.57
N GLN A 169 10.20 4.75 6.87
CA GLN A 169 9.29 3.79 7.51
C GLN A 169 7.87 4.36 7.61
N PHE A 170 6.88 3.51 7.44
CA PHE A 170 5.53 3.85 7.86
C PHE A 170 5.51 3.87 9.39
N LEU A 171 5.00 4.96 9.98
CA LEU A 171 4.89 5.09 11.43
C LEU A 171 3.43 5.01 11.84
N GLY A 172 3.11 4.08 12.73
CA GLY A 172 1.83 4.12 13.46
C GLY A 172 1.99 4.92 14.73
N LEU A 173 1.12 5.93 14.93
CA LEU A 173 1.31 6.89 16.01
C LEU A 173 0.15 6.87 16.99
N ARG A 174 0.42 7.36 18.22
CA ARG A 174 -0.62 7.45 19.25
C ARG A 174 -1.29 8.82 19.31
N SER A 175 -0.80 9.80 18.55
CA SER A 175 -1.30 11.16 18.52
C SER A 175 -0.65 11.84 17.31
N GLN A 176 -0.99 13.12 17.11
CA GLN A 176 -0.49 13.89 15.97
C GLN A 176 0.90 14.44 16.28
N ASN A 177 1.83 13.51 16.41
CA ASN A 177 3.20 13.85 16.83
C ASN A 177 4.13 12.79 16.27
N MET A 178 5.15 13.22 15.51
CA MET A 178 6.07 12.29 14.85
C MET A 178 6.84 11.44 15.85
N ASP A 179 7.01 11.91 17.09
CA ASP A 179 7.79 11.14 18.06
C ASP A 179 6.96 10.15 18.85
N ASP A 180 5.63 10.20 18.75
CA ASP A 180 4.72 9.40 19.57
C ASP A 180 4.41 8.08 18.86
N ILE A 181 5.48 7.33 18.58
CA ILE A 181 5.43 6.13 17.75
C ILE A 181 5.05 4.90 18.57
N VAL A 182 4.12 4.13 18.02
CA VAL A 182 3.70 2.85 18.59
C VAL A 182 4.28 1.67 17.81
N PHE A 183 4.22 1.71 16.47
CA PHE A 183 4.81 0.66 15.66
C PHE A 183 5.37 1.27 14.39
N GLU A 184 6.31 0.54 13.75
CA GLU A 184 6.89 0.96 12.46
C GLU A 184 6.84 -0.21 11.49
N VAL A 185 6.68 0.09 10.19
CA VAL A 185 6.72 -0.91 9.12
C VAL A 185 7.78 -0.50 8.09
N GLU A 186 8.71 -1.43 7.79
CA GLU A 186 9.71 -1.13 6.75
C GLU A 186 9.10 -1.28 5.36
N PRO A 187 9.51 -0.43 4.38
CA PRO A 187 8.86 -0.45 3.04
C PRO A 187 9.43 -1.53 2.13
N LEU A 188 9.30 -2.77 2.54
CA LEU A 188 9.87 -3.91 1.84
C LEU A 188 8.76 -4.71 1.17
N VAL A 189 9.04 -5.23 -0.04
CA VAL A 189 8.03 -6.01 -0.78
C VAL A 189 7.52 -7.15 0.08
N GLY A 190 6.20 -7.33 0.06
CA GLY A 190 5.56 -8.29 0.94
C GLY A 190 4.92 -7.63 2.14
N ASN A 191 5.48 -6.50 2.59
CA ASN A 191 4.86 -5.75 3.68
C ASN A 191 3.74 -4.86 3.16
N SER A 192 2.70 -4.74 3.96
CA SER A 192 1.60 -3.85 3.62
C SER A 192 0.86 -3.54 4.90
N VAL A 193 0.09 -2.45 4.87
CA VAL A 193 -0.69 -1.99 6.01
C VAL A 193 -2.08 -1.62 5.52
N PHE A 194 -3.11 -2.12 6.21
CA PHE A 194 -4.48 -1.80 5.83
C PHE A 194 -5.27 -1.41 7.07
N PHE A 195 -6.03 -0.32 6.97
CA PHE A 195 -6.76 0.18 8.13
C PHE A 195 -7.93 1.05 7.69
N GLU A 196 -8.96 1.07 8.53
CA GLU A 196 -10.05 2.04 8.37
C GLU A 196 -9.65 3.37 8.99
N PRO A 197 -9.68 4.47 8.23
CA PRO A 197 -9.49 5.78 8.86
C PRO A 197 -10.55 6.05 9.93
N ARG A 198 -10.10 6.52 11.10
CA ARG A 198 -10.94 6.83 12.26
C ARG A 198 -10.44 8.12 12.90
N GLU A 199 -11.03 8.53 14.04
CA GLU A 199 -10.60 9.77 14.67
CA GLU A 199 -10.60 9.77 14.68
C GLU A 199 -9.24 9.65 15.35
N ASN A 200 -8.67 8.45 15.43
CA ASN A 200 -7.35 8.30 16.05
C ASN A 200 -6.40 7.42 15.25
N SER A 201 -6.63 7.25 13.94
CA SER A 201 -5.77 6.45 13.07
C SER A 201 -4.53 7.23 12.62
N TRP A 202 -3.80 7.79 13.58
CA TRP A 202 -2.64 8.64 13.27
C TRP A 202 -1.48 7.84 12.68
N HIS A 203 -0.93 8.33 11.55
CA HIS A 203 0.22 7.68 10.93
C HIS A 203 1.00 8.72 10.13
N ALA A 204 2.19 8.35 9.69
CA ALA A 204 3.10 9.27 9.01
C ALA A 204 4.16 8.45 8.28
N VAL A 205 5.02 9.12 7.51
CA VAL A 205 6.20 8.47 6.92
C VAL A 205 7.41 9.25 7.37
N ARG A 206 8.36 8.55 8.02
CA ARG A 206 9.60 9.19 8.45
C ARG A 206 10.35 9.75 7.23
N PRO A 207 10.77 11.02 7.26
CA PRO A 207 11.37 11.62 6.05
C PRO A 207 12.59 10.85 5.55
N LEU A 208 12.72 10.79 4.22
CA LEU A 208 13.94 10.24 3.62
C LEU A 208 15.17 11.07 3.96
N LEU A 209 16.27 10.38 4.23
CA LEU A 209 17.56 11.02 4.53
C LEU A 209 18.51 11.01 3.34
N CYS A 210 18.10 10.44 2.22
CA CYS A 210 18.88 10.46 0.99
C CYS A 210 17.97 10.12 -0.19
N ASP A 211 18.51 10.29 -1.41
CA ASP A 211 17.71 10.15 -2.64
C ASP A 211 17.67 8.68 -3.02
N GLN A 212 16.74 7.94 -2.42
CA GLN A 212 16.56 6.52 -2.72
C GLN A 212 15.08 6.27 -2.97
N PRO A 213 14.71 5.68 -4.10
CA PRO A 213 13.28 5.47 -4.41
C PRO A 213 12.62 4.47 -3.47
N ARG A 214 11.53 4.90 -2.85
CA ARG A 214 10.72 4.11 -1.94
C ARG A 214 9.37 3.96 -2.65
N LEU A 215 9.03 2.74 -3.02
CA LEU A 215 8.00 2.48 -4.04
C LEU A 215 6.79 1.79 -3.40
N SER A 216 5.60 2.35 -3.61
CA SER A 216 4.40 1.74 -3.03
C SER A 216 3.20 1.91 -3.98
N VAL A 217 2.13 1.16 -3.70
CA VAL A 217 0.80 1.34 -4.29
C VAL A 217 -0.18 1.55 -3.14
N GLN A 218 -1.07 2.52 -3.29
CA GLN A 218 -2.17 2.68 -2.34
C GLN A 218 -3.49 2.39 -3.03
N ILE A 219 -4.32 1.60 -2.35
CA ILE A 219 -5.71 1.37 -2.71
C ILE A 219 -6.56 2.16 -1.72
N GLU A 220 -7.41 3.06 -2.23
CA GLU A 220 -8.26 3.90 -1.37
C GLU A 220 -9.70 3.51 -1.67
N ILE A 221 -10.44 3.04 -0.67
CA ILE A 221 -11.77 2.48 -0.83
C ILE A 221 -12.78 3.43 -0.21
N PHE A 222 -13.89 3.69 -0.91
CA PHE A 222 -14.79 4.74 -0.45
C PHE A 222 -16.19 4.51 -1.02
N ARG A 223 -17.14 5.19 -0.40
CA ARG A 223 -18.50 5.33 -0.90
C ARG A 223 -18.71 6.70 -1.55
N THR A 224 -18.21 7.75 -0.92
CA THR A 224 -18.42 9.12 -1.35
C THR A 224 -17.14 9.58 -2.05
N GLN A 225 -17.28 9.96 -3.31
CA GLN A 225 -16.14 10.44 -4.09
C GLN A 225 -15.49 11.65 -3.43
N PHE A 226 -14.16 11.72 -3.55
CA PHE A 226 -13.37 12.86 -3.09
C PHE A 226 -12.27 13.22 -4.09
C1 AKG B . -0.93 8.73 2.59
O1 AKG B . -0.47 9.12 1.52
O2 AKG B . -2.16 9.10 3.09
C2 AKG B . -0.11 7.79 3.52
O5 AKG B . -0.53 7.66 4.66
C3 AKG B . 1.16 7.14 2.97
C4 AKG B . 1.68 5.95 3.77
C5 AKG B . 2.93 5.28 3.14
O3 AKG B . 3.32 5.47 2.01
O4 AKG B . 3.57 4.46 3.92
S SO4 C . -5.77 11.38 2.73
O1 SO4 C . -4.36 11.39 3.11
O2 SO4 C . -5.91 11.77 1.32
O3 SO4 C . -6.38 10.09 2.94
O4 SO4 C . -6.40 12.39 3.55
C1 GOL D . -5.68 14.11 9.50
O1 GOL D . -5.16 15.24 10.11
C2 GOL D . -6.08 14.49 8.06
O2 GOL D . -5.31 15.54 7.59
C3 GOL D . -5.85 13.24 7.25
O3 GOL D . -5.84 13.54 5.94
S SO4 E . 5.44 17.67 -12.07
O1 SO4 E . 5.88 16.34 -11.68
O2 SO4 E . 5.41 17.75 -13.53
O3 SO4 E . 4.10 17.92 -11.54
O4 SO4 E . 6.39 18.65 -11.53
C1 GOL F . -10.01 -11.78 13.35
O1 GOL F . -9.08 -11.30 14.27
C2 GOL F . -9.29 -12.02 12.00
O2 GOL F . -8.06 -11.36 11.94
C3 GOL F . -9.19 -13.58 11.82
O3 GOL F . -8.43 -13.85 10.66
C1 PEG G . -12.87 5.93 16.52
O1 PEG G . -12.85 4.51 16.36
C2 PEG G . -14.08 6.55 15.90
O2 PEG G . -13.68 7.35 14.80
C3 PEG G . -14.73 7.53 13.85
C4 PEG G . -14.26 8.42 12.73
O4 PEG G . -14.46 7.83 11.46
C1 GOL H . 0.46 -17.27 7.37
O1 GOL H . -0.78 -17.72 7.80
C2 GOL H . 1.50 -18.40 7.68
O2 GOL H . 1.17 -19.62 7.11
C3 GOL H . 2.86 -17.88 7.18
O3 GOL H . 3.55 -17.39 8.30
S SO4 I . 8.03 3.38 -18.04
O1 SO4 I . 8.84 4.58 -18.21
O2 SO4 I . 8.91 2.22 -17.88
O3 SO4 I . 7.19 3.51 -16.84
O4 SO4 I . 7.21 3.18 -19.23
S SO4 J . -3.06 7.95 -22.29
O1 SO4 J . -2.89 7.66 -20.85
O2 SO4 J . -1.85 8.57 -22.80
O3 SO4 J . -3.31 6.71 -23.01
O4 SO4 J . -4.20 8.85 -22.50
C1 GOL K . 14.04 18.12 -7.53
O1 GOL K . 12.61 17.92 -7.38
C2 GOL K . 14.53 19.04 -6.38
O2 GOL K . 13.49 19.78 -5.85
C3 GOL K . 15.15 18.12 -5.32
O3 GOL K . 14.60 18.48 -4.07
S SO4 L . 6.44 11.44 -18.24
O1 SO4 L . 7.43 10.99 -17.25
O2 SO4 L . 6.23 10.39 -19.24
O3 SO4 L . 5.18 11.74 -17.57
O4 SO4 L . 6.94 12.65 -18.88
FE FE M . -2.37 8.30 5.05
#